data_4YL8
#
_entry.id   4YL8
#
_cell.length_a   63.115
_cell.length_b   65.121
_cell.length_c   83.205
_cell.angle_alpha   90.000
_cell.angle_beta   90.000
_cell.angle_gamma   90.000
#
_symmetry.space_group_name_H-M   'P 21 21 21'
#
loop_
_entity.id
_entity.type
_entity.pdbx_description
1 polymer Moesin
2 polymer 'Protein crumbs'
3 non-polymer GLYCEROL
4 non-polymer 'IODIDE ION'
5 water water
#
loop_
_entity_poly.entity_id
_entity_poly.type
_entity_poly.pdbx_seq_one_letter_code
_entity_poly.pdbx_strand_id
1 'polypeptide(L)'
;GPGSEFMPKTISVRVTTMDAELEFAIQPNTTGKQLFDQVVKTIGLREVWFFGLQYQDTKAFSTWLKLNKKVTAQDVRKES
PLLFKFRAKFYPEDVSEELIQDITQRLFFLQVKEGILNDDIYCPPETAVLLASYAVQSKYGDFNKEVHKSGYLAGDKLLP
QRVLEQHKLNKDQWEERIQVWHEEHRGMLREDAVLEYLKIAQDLEMYGVNYFSIKNKKGSELWLGVDALGLNIYEQNDRL
TPKIGFPWSEIRNISFNDKKFVIKPIDKKAPDFVFYAPRLRINKRILALCMGNHELYMRRRKP
;
A
2 'polypeptide(L)' GPGSEFRNKRATRGTYSPSAQEYCNPRLEMDNVLKPPPEERLI B
#
# COMPACT_ATOMS: atom_id res chain seq x y z
N MET A 7 5.57 29.09 -15.04
CA MET A 7 6.26 27.80 -15.07
C MET A 7 7.65 27.89 -15.72
N PRO A 8 8.66 27.37 -15.02
CA PRO A 8 10.05 27.50 -15.46
C PRO A 8 10.50 26.38 -16.40
N LYS A 9 11.61 26.59 -17.09
CA LYS A 9 12.18 25.59 -18.00
C LYS A 9 12.67 24.36 -17.25
N THR A 10 13.11 24.59 -16.01
CA THR A 10 13.65 23.51 -15.17
C THR A 10 12.90 23.53 -13.84
N ILE A 11 12.32 22.38 -13.48
CA ILE A 11 11.49 22.25 -12.29
C ILE A 11 12.16 21.30 -11.31
N SER A 12 12.49 21.79 -10.12
CA SER A 12 13.11 20.97 -9.10
CA SER A 12 13.11 20.97 -9.09
C SER A 12 12.06 20.06 -8.48
N VAL A 13 12.43 18.80 -8.25
CA VAL A 13 11.55 17.80 -7.67
C VAL A 13 12.28 17.10 -6.54
N ARG A 14 11.56 16.83 -5.46
CA ARG A 14 12.08 16.00 -4.39
C ARG A 14 11.23 14.76 -4.32
N VAL A 15 11.86 13.60 -4.30
CA VAL A 15 11.14 12.34 -4.14
C VAL A 15 11.66 11.65 -2.89
N THR A 16 10.77 11.33 -1.97
CA THR A 16 11.16 10.67 -0.73
CA THR A 16 11.20 10.66 -0.75
C THR A 16 10.72 9.21 -0.75
N THR A 17 11.67 8.30 -0.58
CA THR A 17 11.30 6.90 -0.41
C THR A 17 11.17 6.69 1.10
N MET A 18 10.94 5.45 1.55
CA MET A 18 10.84 5.24 2.99
C MET A 18 12.12 5.63 3.73
N ASP A 19 13.27 5.61 3.06
CA ASP A 19 14.52 5.90 3.78
C ASP A 19 15.51 6.77 3.02
N ALA A 20 15.03 7.47 2.00
CA ALA A 20 15.92 8.34 1.25
C ALA A 20 15.18 9.55 0.69
N GLU A 21 15.88 10.67 0.66
CA GLU A 21 15.37 11.85 -0.02
C GLU A 21 16.18 12.02 -1.30
N LEU A 22 15.49 11.97 -2.43
CA LEU A 22 16.14 12.07 -3.74
C LEU A 22 15.77 13.39 -4.42
N GLU A 23 16.65 13.88 -5.27
CA GLU A 23 16.42 15.14 -5.98
C GLU A 23 16.56 14.95 -7.49
N PHE A 24 15.61 15.51 -8.24
CA PHE A 24 15.61 15.41 -9.69
C PHE A 24 15.22 16.75 -10.29
N ALA A 25 15.53 16.92 -11.57
CA ALA A 25 15.14 18.12 -12.29
C ALA A 25 14.35 17.66 -13.50
N ILE A 26 13.12 18.13 -13.62
CA ILE A 26 12.31 17.80 -14.79
C ILE A 26 12.03 19.06 -15.60
N GLN A 27 11.31 18.88 -16.71
CA GLN A 27 11.00 19.98 -17.62
C GLN A 27 9.49 19.99 -17.85
N PRO A 28 8.97 21.06 -18.46
CA PRO A 28 7.51 21.17 -18.60
C PRO A 28 6.87 19.96 -19.28
N ASN A 29 7.55 19.32 -20.20
CA ASN A 29 6.96 18.20 -20.92
C ASN A 29 7.29 16.82 -20.37
N THR A 30 8.05 16.78 -19.28
CA THR A 30 8.42 15.49 -18.68
C THR A 30 7.19 14.72 -18.22
N THR A 31 7.12 13.44 -18.57
CA THR A 31 5.99 12.61 -18.14
C THR A 31 6.25 12.00 -16.77
N GLY A 32 5.18 11.58 -16.11
CA GLY A 32 5.31 10.85 -14.86
C GLY A 32 6.23 9.65 -15.02
N LYS A 33 6.10 8.96 -16.15
CA LYS A 33 6.90 7.75 -16.38
C LYS A 33 8.38 8.09 -16.42
N GLN A 34 8.72 9.20 -17.08
CA GLN A 34 10.11 9.60 -17.15
C GLN A 34 10.69 9.92 -15.77
N LEU A 35 9.89 10.56 -14.91
CA LEU A 35 10.36 10.82 -13.54
C LEU A 35 10.50 9.52 -12.77
N PHE A 36 9.48 8.69 -12.86
CA PHE A 36 9.47 7.39 -12.18
C PHE A 36 10.69 6.57 -12.59
N ASP A 37 11.01 6.58 -13.88
CA ASP A 37 12.16 5.81 -14.36
C ASP A 37 13.47 6.32 -13.77
N GLN A 38 13.58 7.62 -13.58
CA GLN A 38 14.77 8.18 -12.94
C GLN A 38 14.87 7.75 -11.49
N VAL A 39 13.73 7.73 -10.78
CA VAL A 39 13.74 7.30 -9.39
C VAL A 39 14.23 5.86 -9.26
N VAL A 40 13.61 4.96 -10.02
CA VAL A 40 13.93 3.55 -9.85
C VAL A 40 15.35 3.21 -10.31
N LYS A 41 15.83 3.90 -11.35
CA LYS A 41 17.21 3.69 -11.80
C LYS A 41 18.18 4.15 -10.71
N THR A 42 17.88 5.28 -10.08
CA THR A 42 18.74 5.84 -9.03
C THR A 42 18.92 4.85 -7.87
N ILE A 43 17.84 4.21 -7.45
CA ILE A 43 17.90 3.32 -6.28
C ILE A 43 18.14 1.86 -6.65
N GLY A 44 18.27 1.59 -7.94
CA GLY A 44 18.59 0.24 -8.40
C GLY A 44 17.44 -0.73 -8.29
N LEU A 45 16.22 -0.22 -8.33
CA LEU A 45 15.03 -1.04 -8.20
C LEU A 45 14.57 -1.57 -9.55
N ARG A 46 14.49 -2.90 -9.67
CA ARG A 46 14.00 -3.55 -10.88
C ARG A 46 12.57 -4.02 -10.72
N GLU A 47 12.17 -4.29 -9.48
CA GLU A 47 10.84 -4.83 -9.21
C GLU A 47 9.86 -3.67 -9.05
N VAL A 48 9.66 -2.96 -10.15
CA VAL A 48 9.04 -1.64 -10.12
C VAL A 48 7.52 -1.64 -10.12
N TRP A 49 6.91 -2.77 -10.45
CA TRP A 49 5.49 -2.79 -10.80
C TRP A 49 4.56 -2.56 -9.60
N PHE A 50 5.11 -2.65 -8.39
CA PHE A 50 4.31 -2.41 -7.20
C PHE A 50 4.21 -0.93 -6.84
N PHE A 51 5.06 -0.11 -7.44
CA PHE A 51 5.32 1.21 -6.90
C PHE A 51 4.68 2.35 -7.68
N GLY A 52 4.59 3.49 -7.02
CA GLY A 52 4.09 4.71 -7.64
C GLY A 52 4.61 5.94 -6.92
N LEU A 53 4.23 7.10 -7.46
CA LEU A 53 4.62 8.37 -6.87
C LEU A 53 3.36 9.05 -6.38
N GLN A 54 3.34 9.42 -5.10
CA GLN A 54 2.19 10.07 -4.51
C GLN A 54 2.51 11.53 -4.25
N TYR A 55 1.51 12.40 -4.35
CA TYR A 55 1.72 13.80 -4.02
C TYR A 55 0.48 14.36 -3.39
N GLN A 56 0.63 15.52 -2.73
CA GLN A 56 -0.51 16.26 -2.22
C GLN A 56 -1.00 17.16 -3.33
N ASP A 57 -2.28 17.05 -3.67
CA ASP A 57 -2.83 17.91 -4.71
C ASP A 57 -3.23 19.27 -4.16
N THR A 58 -3.84 20.10 -5.01
CA THR A 58 -4.14 21.48 -4.61
C THR A 58 -5.23 21.57 -3.55
N LYS A 59 -5.85 20.43 -3.24
CA LYS A 59 -6.88 20.37 -2.19
C LYS A 59 -6.33 19.66 -0.94
N ALA A 60 -5.04 19.33 -0.99
CA ALA A 60 -4.35 18.68 0.12
C ALA A 60 -4.79 17.23 0.32
N PHE A 61 -5.18 16.58 -0.76
CA PHE A 61 -5.45 15.15 -0.76
C PHE A 61 -4.32 14.37 -1.43
N SER A 62 -3.99 13.20 -0.89
CA SER A 62 -2.96 12.38 -1.48
C SER A 62 -3.45 11.82 -2.81
N THR A 63 -2.58 11.85 -3.80
CA THR A 63 -2.94 11.54 -5.16
C THR A 63 -1.83 10.76 -5.82
N TRP A 64 -2.17 9.70 -6.56
CA TRP A 64 -1.15 8.99 -7.33
C TRP A 64 -0.87 9.72 -8.66
N LEU A 65 0.42 9.87 -8.97
CA LEU A 65 0.83 10.47 -10.23
C LEU A 65 0.54 9.50 -11.36
N LYS A 66 -0.08 10.01 -12.43
CA LYS A 66 -0.27 9.24 -13.65
C LYS A 66 1.03 9.25 -14.43
N LEU A 67 1.48 8.08 -14.85
CA LEU A 67 2.79 7.99 -15.50
C LEU A 67 2.75 8.37 -16.98
N ASN A 68 1.61 8.12 -17.63
CA ASN A 68 1.51 8.39 -19.06
C ASN A 68 0.96 9.79 -19.35
N LYS A 69 1.22 10.71 -18.42
CA LYS A 69 0.80 12.11 -18.59
CA LYS A 69 0.77 12.10 -18.55
C LYS A 69 1.91 13.02 -18.09
N LYS A 70 1.97 14.24 -18.63
CA LYS A 70 2.96 15.20 -18.17
C LYS A 70 2.77 15.45 -16.68
N VAL A 71 3.86 15.55 -15.94
CA VAL A 71 3.76 15.89 -14.52
C VAL A 71 3.03 17.22 -14.33
N THR A 72 3.39 18.21 -15.15
CA THR A 72 2.84 19.56 -15.00
C THR A 72 1.38 19.67 -15.42
N ALA A 73 0.84 18.63 -16.06
CA ALA A 73 -0.56 18.65 -16.50
C ALA A 73 -1.47 18.10 -15.41
N GLN A 74 -0.87 17.66 -14.31
CA GLN A 74 -1.61 17.08 -13.21
C GLN A 74 -1.71 18.09 -12.06
N ASP A 75 -2.49 17.75 -11.04
CA ASP A 75 -2.88 18.75 -10.06
C ASP A 75 -1.87 18.96 -8.95
N VAL A 76 -0.59 19.01 -9.33
CA VAL A 76 0.47 19.25 -8.36
C VAL A 76 0.37 20.68 -7.83
N ARG A 77 0.90 20.91 -6.64
CA ARG A 77 0.76 22.21 -5.98
C ARG A 77 1.74 23.27 -6.49
N LYS A 78 1.43 24.53 -6.19
CA LYS A 78 2.29 25.64 -6.53
C LYS A 78 3.41 25.72 -5.50
N GLU A 79 4.35 24.78 -5.60
CA GLU A 79 5.43 24.63 -4.64
C GLU A 79 6.70 24.35 -5.43
N SER A 80 7.83 24.81 -4.92
CA SER A 80 9.13 24.46 -5.48
C SER A 80 10.09 24.19 -4.33
N PRO A 81 10.67 22.99 -4.28
CA PRO A 81 10.49 21.92 -5.28
C PRO A 81 9.12 21.23 -5.19
N LEU A 82 8.71 20.56 -6.26
CA LEU A 82 7.56 19.67 -6.17
C LEU A 82 7.94 18.50 -5.27
N LEU A 83 7.02 18.09 -4.40
CA LEU A 83 7.26 16.98 -3.48
C LEU A 83 6.47 15.74 -3.86
N PHE A 84 7.15 14.59 -3.90
CA PHE A 84 6.51 13.30 -4.12
C PHE A 84 7.00 12.30 -3.11
N LYS A 85 6.15 11.33 -2.79
CA LYS A 85 6.56 10.19 -1.98
C LYS A 85 6.53 8.96 -2.87
N PHE A 86 7.62 8.20 -2.88
CA PHE A 86 7.68 6.96 -3.63
C PHE A 86 7.24 5.87 -2.68
N ARG A 87 6.19 5.14 -3.04
CA ARG A 87 5.58 4.18 -2.11
C ARG A 87 5.06 2.99 -2.88
N ALA A 88 4.93 1.85 -2.20
CA ALA A 88 4.25 0.71 -2.80
C ALA A 88 2.74 1.02 -2.83
N LYS A 89 2.16 0.90 -4.02
CA LYS A 89 0.72 1.04 -4.23
C LYS A 89 0.04 -0.34 -4.19
N PHE A 90 0.79 -1.38 -4.58
CA PHE A 90 0.29 -2.75 -4.63
C PHE A 90 1.22 -3.64 -3.85
N TYR A 91 0.66 -4.74 -3.33
CA TYR A 91 1.40 -5.70 -2.50
C TYR A 91 1.40 -7.06 -3.15
N PRO A 92 2.51 -7.79 -3.02
CA PRO A 92 2.48 -9.16 -3.54
C PRO A 92 1.52 -10.05 -2.75
N GLU A 93 1.11 -11.14 -3.37
CA GLU A 93 0.36 -12.16 -2.63
C GLU A 93 1.26 -12.93 -1.65
N ASP A 94 2.55 -13.03 -1.98
CA ASP A 94 3.52 -13.68 -1.08
C ASP A 94 4.88 -13.06 -1.37
N VAL A 95 5.47 -12.42 -0.37
CA VAL A 95 6.78 -11.82 -0.57
C VAL A 95 7.80 -12.85 -1.08
N SER A 96 7.68 -14.10 -0.65
CA SER A 96 8.65 -15.12 -1.06
C SER A 96 8.56 -15.51 -2.52
N GLU A 97 7.46 -15.16 -3.16
CA GLU A 97 7.27 -15.50 -4.56
C GLU A 97 7.69 -14.36 -5.49
N GLU A 98 7.78 -13.15 -4.96
CA GLU A 98 7.93 -12.00 -5.84
C GLU A 98 8.99 -10.96 -5.51
N LEU A 99 9.44 -10.91 -4.26
CA LEU A 99 10.41 -9.88 -3.90
C LEU A 99 11.80 -10.49 -3.76
N ILE A 100 12.60 -10.35 -4.81
CA ILE A 100 13.92 -10.94 -4.83
C ILE A 100 15.00 -9.96 -4.38
N GLN A 101 14.83 -8.68 -4.71
CA GLN A 101 15.89 -7.72 -4.43
C GLN A 101 15.85 -7.23 -2.99
N ASP A 102 17.04 -6.96 -2.45
CA ASP A 102 17.17 -6.36 -1.14
C ASP A 102 16.43 -5.01 -1.06
N ILE A 103 16.58 -4.15 -2.07
CA ILE A 103 15.94 -2.83 -2.01
C ILE A 103 14.41 -2.96 -1.94
N THR A 104 13.85 -3.87 -2.73
CA THR A 104 12.40 -4.02 -2.76
C THR A 104 11.91 -4.51 -1.40
N GLN A 105 12.62 -5.49 -0.84
CA GLN A 105 12.24 -6.02 0.46
C GLN A 105 12.33 -4.92 1.50
N ARG A 106 13.39 -4.12 1.42
CA ARG A 106 13.60 -3.06 2.40
CA ARG A 106 13.57 -3.08 2.42
C ARG A 106 12.49 -2.01 2.33
N LEU A 107 12.13 -1.61 1.11
CA LEU A 107 11.09 -0.61 0.96
C LEU A 107 9.74 -1.11 1.44
N PHE A 108 9.41 -2.38 1.16
CA PHE A 108 8.17 -2.92 1.70
C PHE A 108 8.19 -3.03 3.23
N PHE A 109 9.32 -3.52 3.76
CA PHE A 109 9.52 -3.63 5.21
C PHE A 109 9.31 -2.29 5.90
N LEU A 110 9.89 -1.23 5.37
CA LEU A 110 9.77 0.05 6.08
C LEU A 110 8.36 0.60 5.98
N GLN A 111 7.73 0.42 4.82
CA GLN A 111 6.38 0.97 4.64
C GLN A 111 5.37 0.21 5.50
N VAL A 112 5.50 -1.12 5.53
CA VAL A 112 4.63 -1.96 6.35
C VAL A 112 4.86 -1.71 7.83
N LYS A 113 6.13 -1.65 8.22
CA LYS A 113 6.45 -1.37 9.62
C LYS A 113 5.86 -0.02 10.06
N GLU A 114 5.89 0.97 9.18
CA GLU A 114 5.30 2.26 9.52
C GLU A 114 3.81 2.10 9.87
N GLY A 115 3.11 1.30 9.07
CA GLY A 115 1.69 1.07 9.29
C GLY A 115 1.38 0.25 10.52
N ILE A 116 2.30 -0.66 10.87
CA ILE A 116 2.14 -1.42 12.11
C ILE A 116 2.36 -0.51 13.30
N LEU A 117 3.41 0.31 13.24
CA LEU A 117 3.75 1.16 14.37
C LEU A 117 2.71 2.26 14.63
N ASN A 118 2.05 2.73 13.58
CA ASN A 118 1.06 3.79 13.73
CA ASN A 118 1.05 3.79 13.72
C ASN A 118 -0.37 3.27 13.88
N ASP A 119 -0.48 1.95 14.06
CA ASP A 119 -1.77 1.30 14.31
C ASP A 119 -2.69 1.17 13.07
N ASP A 120 -2.19 1.53 11.89
CA ASP A 120 -3.02 1.41 10.69
C ASP A 120 -3.26 -0.04 10.35
N ILE A 121 -2.27 -0.89 10.65
CA ILE A 121 -2.37 -2.31 10.40
C ILE A 121 -2.41 -3.01 11.76
N TYR A 122 -3.59 -3.51 12.15
CA TYR A 122 -3.71 -4.19 13.44
C TYR A 122 -2.69 -5.33 13.58
N CYS A 123 -2.13 -5.46 14.79
CA CYS A 123 -1.14 -6.48 15.07
C CYS A 123 -1.28 -6.91 16.53
N PRO A 124 -1.53 -8.21 16.77
CA PRO A 124 -1.61 -8.72 18.15
C PRO A 124 -0.31 -8.39 18.91
N PRO A 125 -0.42 -8.10 20.22
CA PRO A 125 0.77 -7.72 20.99
C PRO A 125 1.93 -8.71 20.90
N GLU A 126 1.69 -10.02 21.01
CA GLU A 126 2.82 -10.93 21.01
C GLU A 126 3.50 -10.94 19.64
N THR A 127 2.72 -10.76 18.58
CA THR A 127 3.25 -10.66 17.23
C THR A 127 4.02 -9.36 17.05
N ALA A 128 3.53 -8.29 17.67
CA ALA A 128 4.24 -7.01 17.61
C ALA A 128 5.64 -7.11 18.24
N VAL A 129 5.75 -7.85 19.33
CA VAL A 129 7.03 -8.06 19.98
C VAL A 129 7.95 -8.86 19.08
N LEU A 130 7.42 -9.91 18.45
CA LEU A 130 8.23 -10.71 17.54
C LEU A 130 8.68 -9.86 16.35
N LEU A 131 7.78 -9.07 15.79
CA LEU A 131 8.16 -8.23 14.66
C LEU A 131 9.25 -7.24 15.09
N ALA A 132 9.07 -6.63 16.25
CA ALA A 132 10.07 -5.72 16.77
C ALA A 132 11.43 -6.39 16.83
N SER A 133 11.46 -7.66 17.24
CA SER A 133 12.74 -8.36 17.38
C SER A 133 13.44 -8.57 16.03
N TYR A 134 12.66 -8.74 14.96
CA TYR A 134 13.26 -8.83 13.64
C TYR A 134 13.73 -7.47 13.15
N ALA A 135 12.97 -6.43 13.43
CA ALA A 135 13.44 -5.08 13.12
C ALA A 135 14.76 -4.80 13.83
N VAL A 136 14.87 -5.26 15.07
CA VAL A 136 16.09 -5.09 15.84
C VAL A 136 17.25 -5.90 15.26
N GLN A 137 17.00 -7.15 14.89
CA GLN A 137 18.05 -7.96 14.23
C GLN A 137 18.55 -7.26 12.97
N SER A 138 17.63 -6.67 12.20
CA SER A 138 18.00 -5.97 10.98
C SER A 138 18.87 -4.74 11.25
N LYS A 139 18.54 -4.00 12.29
CA LYS A 139 19.27 -2.78 12.61
C LYS A 139 20.59 -3.04 13.31
N TYR A 140 20.59 -3.98 14.24
CA TYR A 140 21.73 -4.18 15.14
C TYR A 140 22.59 -5.38 14.82
N GLY A 141 22.11 -6.30 13.99
CA GLY A 141 22.80 -7.56 13.80
C GLY A 141 22.69 -8.42 15.05
N ASP A 142 23.56 -9.42 15.17
CA ASP A 142 23.49 -10.38 16.29
C ASP A 142 23.58 -9.71 17.65
N PHE A 143 22.70 -10.08 18.57
CA PHE A 143 22.80 -9.59 19.94
C PHE A 143 24.16 -9.94 20.53
N ASN A 144 24.79 -8.96 21.16
CA ASN A 144 26.08 -9.14 21.80
C ASN A 144 26.11 -8.54 23.19
N LYS A 145 26.18 -9.40 24.21
CA LYS A 145 26.05 -8.99 25.60
C LYS A 145 27.09 -7.96 26.03
N GLU A 146 28.15 -7.82 25.24
CA GLU A 146 29.23 -6.89 25.58
C GLU A 146 28.95 -5.47 25.11
N VAL A 147 28.18 -5.34 24.03
CA VAL A 147 27.86 -4.04 23.45
C VAL A 147 26.40 -3.65 23.69
N HIS A 148 25.51 -4.63 23.56
CA HIS A 148 24.09 -4.38 23.76
C HIS A 148 23.74 -4.50 25.24
N LYS A 149 24.13 -3.50 26.01
CA LYS A 149 23.81 -3.47 27.44
C LYS A 149 22.36 -3.07 27.64
N SER A 150 21.87 -3.24 28.86
CA SER A 150 20.49 -2.85 29.18
C SER A 150 20.22 -1.44 28.71
N GLY A 151 19.14 -1.28 27.94
CA GLY A 151 18.75 0.02 27.47
C GLY A 151 19.20 0.32 26.05
N TYR A 152 19.79 -0.67 25.38
CA TYR A 152 20.26 -0.47 24.02
C TYR A 152 19.13 -0.21 23.03
N LEU A 153 17.90 -0.51 23.44
CA LEU A 153 16.73 -0.27 22.59
C LEU A 153 15.97 0.98 23.00
N ALA A 154 16.49 1.72 23.96
CA ALA A 154 15.77 2.86 24.53
C ALA A 154 15.42 3.95 23.51
N GLY A 155 16.25 4.09 22.49
CA GLY A 155 16.07 5.15 21.50
C GLY A 155 15.16 4.77 20.35
N ASP A 156 14.73 3.51 20.32
CA ASP A 156 13.95 3.01 19.18
C ASP A 156 12.45 2.99 19.47
N LYS A 157 11.65 3.35 18.47
CA LYS A 157 10.20 3.13 18.56
C LYS A 157 9.92 1.77 17.96
N LEU A 158 9.58 0.81 18.80
CA LEU A 158 9.52 -0.57 18.34
C LEU A 158 8.13 -1.19 18.32
N LEU A 159 7.18 -0.62 19.05
CA LEU A 159 5.87 -1.24 19.18
C LEU A 159 4.73 -0.29 18.79
N PRO A 160 3.60 -0.84 18.33
CA PRO A 160 2.44 -0.01 18.01
C PRO A 160 1.96 0.77 19.23
N GLN A 161 1.50 2.00 19.01
CA GLN A 161 1.02 2.80 20.13
C GLN A 161 -0.12 2.12 20.88
N ARG A 162 -0.98 1.41 20.15
CA ARG A 162 -2.10 0.68 20.77
C ARG A 162 -1.60 -0.38 21.75
N VAL A 163 -0.54 -1.07 21.38
CA VAL A 163 0.06 -2.07 22.26
C VAL A 163 0.60 -1.43 23.53
N LEU A 164 1.30 -0.31 23.37
CA LEU A 164 1.86 0.39 24.54
C LEU A 164 0.76 0.90 25.46
N GLU A 165 -0.29 1.46 24.87
CA GLU A 165 -1.35 2.09 25.65
C GLU A 165 -2.25 1.08 26.36
N GLN A 166 -2.42 -0.09 25.75
CA GLN A 166 -3.36 -1.08 26.28
C GLN A 166 -2.72 -2.03 27.28
N HIS A 167 -1.41 -1.93 27.47
CA HIS A 167 -0.76 -2.69 28.51
C HIS A 167 -0.18 -1.77 29.55
N LYS A 168 0.27 -2.35 30.64
CA LYS A 168 0.91 -1.58 31.70
C LYS A 168 2.35 -1.99 31.89
N LEU A 169 2.99 -2.43 30.80
CA LEU A 169 4.44 -2.60 30.80
C LEU A 169 5.10 -1.26 30.58
N ASN A 170 6.24 -1.04 31.22
CA ASN A 170 7.04 0.12 30.90
C ASN A 170 8.07 -0.24 29.84
N LYS A 171 8.83 0.74 29.39
CA LYS A 171 9.77 0.54 28.29
C LYS A 171 10.81 -0.55 28.59
N ASP A 172 11.30 -0.59 29.83
CA ASP A 172 12.27 -1.60 30.21
C ASP A 172 11.68 -3.01 30.13
N GLN A 173 10.41 -3.14 30.52
CA GLN A 173 9.75 -4.43 30.47
C GLN A 173 9.54 -4.89 29.02
N TRP A 174 9.18 -3.96 28.13
CA TRP A 174 9.06 -4.31 26.72
C TRP A 174 10.41 -4.69 26.14
N GLU A 175 11.45 -3.92 26.47
CA GLU A 175 12.78 -4.19 25.97
CA GLU A 175 12.80 -4.19 25.98
C GLU A 175 13.26 -5.59 26.37
N GLU A 176 12.90 -6.03 27.58
CA GLU A 176 13.27 -7.37 28.01
C GLU A 176 12.67 -8.44 27.09
N ARG A 177 11.38 -8.32 26.78
CA ARG A 177 10.73 -9.30 25.91
C ARG A 177 11.38 -9.27 24.52
N ILE A 178 11.65 -8.08 24.01
CA ILE A 178 12.23 -7.96 22.69
C ILE A 178 13.65 -8.49 22.64
N GLN A 179 14.42 -8.22 23.69
CA GLN A 179 15.81 -8.68 23.75
C GLN A 179 15.91 -10.20 23.75
N VAL A 180 15.01 -10.88 24.45
CA VAL A 180 15.06 -12.34 24.49
C VAL A 180 14.89 -12.90 23.09
N TRP A 181 13.92 -12.36 22.35
CA TRP A 181 13.73 -12.80 20.97
C TRP A 181 14.94 -12.41 20.11
N HIS A 182 15.45 -11.20 20.31
CA HIS A 182 16.62 -10.74 19.55
C HIS A 182 17.74 -11.78 19.65
N GLU A 183 18.01 -12.25 20.86
CA GLU A 183 19.06 -13.24 21.07
C GLU A 183 18.77 -14.56 20.33
N GLU A 184 17.50 -14.94 20.24
CA GLU A 184 17.13 -16.14 19.50
C GLU A 184 17.49 -16.08 18.01
N HIS A 185 17.57 -14.86 17.48
CA HIS A 185 17.82 -14.67 16.05
C HIS A 185 19.29 -14.71 15.69
N ARG A 186 20.16 -15.06 16.64
CA ARG A 186 21.60 -15.08 16.37
C ARG A 186 21.94 -15.86 15.11
N GLY A 187 22.72 -15.25 14.23
CA GLY A 187 23.18 -15.88 13.01
C GLY A 187 22.35 -15.51 11.81
N MET A 188 21.26 -14.78 12.04
CA MET A 188 20.38 -14.38 10.96
C MET A 188 20.92 -13.14 10.23
N LEU A 189 21.07 -13.22 8.91
CA LEU A 189 21.48 -12.06 8.13
C LEU A 189 20.48 -10.94 8.32
N ARG A 190 20.96 -9.70 8.34
CA ARG A 190 20.06 -8.56 8.48
C ARG A 190 19.00 -8.60 7.39
N GLU A 191 19.39 -8.95 6.17
CA GLU A 191 18.43 -9.04 5.08
C GLU A 191 17.42 -10.16 5.29
N ASP A 192 17.83 -11.23 5.96
CA ASP A 192 16.89 -12.32 6.27
C ASP A 192 15.93 -11.92 7.37
N ALA A 193 16.36 -11.06 8.29
CA ALA A 193 15.46 -10.54 9.31
C ALA A 193 14.35 -9.68 8.67
N VAL A 194 14.72 -8.85 7.70
CA VAL A 194 13.73 -8.08 6.94
C VAL A 194 12.71 -8.98 6.26
N LEU A 195 13.19 -10.05 5.64
CA LEU A 195 12.30 -10.98 4.97
C LEU A 195 11.38 -11.69 5.98
N GLU A 196 11.94 -12.13 7.10
CA GLU A 196 11.13 -12.80 8.11
CA GLU A 196 11.12 -12.81 8.10
C GLU A 196 10.05 -11.87 8.66
N TYR A 197 10.42 -10.60 8.87
CA TYR A 197 9.46 -9.59 9.29
C TYR A 197 8.28 -9.57 8.30
N LEU A 198 8.61 -9.47 7.01
CA LEU A 198 7.56 -9.43 6.00
C LEU A 198 6.74 -10.72 5.95
N LYS A 199 7.38 -11.87 6.16
CA LYS A 199 6.62 -13.10 6.12
C LYS A 199 5.60 -13.16 7.24
N ILE A 200 5.96 -12.62 8.41
CA ILE A 200 5.01 -12.54 9.51
C ILE A 200 3.92 -11.50 9.23
N ALA A 201 4.35 -10.32 8.79
CA ALA A 201 3.42 -9.22 8.61
C ALA A 201 2.39 -9.53 7.53
N GLN A 202 2.79 -10.24 6.48
CA GLN A 202 1.89 -10.45 5.37
C GLN A 202 0.71 -11.36 5.72
N ASP A 203 0.81 -12.04 6.86
CA ASP A 203 -0.30 -12.88 7.32
C ASP A 203 -1.28 -12.14 8.23
N LEU A 204 -0.97 -10.89 8.57
CA LEU A 204 -1.93 -10.06 9.31
C LEU A 204 -3.13 -9.75 8.43
N GLU A 205 -4.33 -9.79 9.00
CA GLU A 205 -5.54 -9.65 8.19
C GLU A 205 -5.66 -8.29 7.51
N MET A 206 -5.08 -7.25 8.12
CA MET A 206 -5.16 -5.90 7.53
C MET A 206 -4.00 -5.56 6.58
N TYR A 207 -3.01 -6.44 6.51
CA TYR A 207 -1.87 -6.21 5.62
C TYR A 207 -2.33 -6.14 4.18
N GLY A 208 -1.87 -5.12 3.45
CA GLY A 208 -2.09 -5.07 2.01
C GLY A 208 -3.53 -4.74 1.63
N VAL A 209 -4.33 -4.27 2.58
CA VAL A 209 -5.72 -3.94 2.29
C VAL A 209 -5.91 -2.42 2.31
N ASN A 210 -6.52 -1.91 1.25
CA ASN A 210 -6.91 -0.52 1.19
C ASN A 210 -8.35 -0.41 1.69
N TYR A 211 -8.56 0.26 2.83
CA TYR A 211 -9.92 0.41 3.38
C TYR A 211 -10.55 1.76 3.07
N PHE A 212 -11.83 1.70 2.74
CA PHE A 212 -12.63 2.89 2.44
C PHE A 212 -13.93 2.87 3.23
N SER A 213 -14.33 4.05 3.71
CA SER A 213 -15.56 4.20 4.47
C SER A 213 -16.73 4.24 3.51
N ILE A 214 -17.70 3.36 3.70
CA ILE A 214 -18.89 3.32 2.84
C ILE A 214 -20.17 3.14 3.64
N LYS A 215 -21.30 3.33 2.98
CA LYS A 215 -22.60 2.98 3.56
C LYS A 215 -23.31 2.07 2.60
N ASN A 216 -24.18 1.20 3.12
CA ASN A 216 -25.05 0.41 2.26
C ASN A 216 -26.38 1.11 2.01
N LYS A 217 -27.31 0.45 1.32
CA LYS A 217 -28.59 1.08 1.00
C LYS A 217 -29.40 1.42 2.24
N LYS A 218 -29.20 0.67 3.32
CA LYS A 218 -29.95 0.91 4.54
C LYS A 218 -29.34 2.05 5.35
N GLY A 219 -28.17 2.51 4.89
CA GLY A 219 -27.50 3.62 5.54
C GLY A 219 -26.55 3.18 6.64
N SER A 220 -26.30 1.88 6.73
CA SER A 220 -25.36 1.37 7.73
C SER A 220 -23.93 1.66 7.32
N GLU A 221 -23.09 2.04 8.29
CA GLU A 221 -21.66 2.25 8.05
C GLU A 221 -20.91 0.93 7.90
N LEU A 222 -20.07 0.85 6.87
CA LEU A 222 -19.27 -0.34 6.58
C LEU A 222 -17.90 0.08 6.09
N TRP A 223 -17.02 -0.89 5.84
CA TRP A 223 -15.78 -0.62 5.11
C TRP A 223 -15.74 -1.45 3.87
N LEU A 224 -15.16 -0.87 2.82
CA LEU A 224 -14.84 -1.63 1.63
CA LEU A 224 -14.84 -1.63 1.63
C LEU A 224 -13.33 -1.80 1.62
N GLY A 225 -12.87 -3.02 1.40
CA GLY A 225 -11.46 -3.27 1.26
C GLY A 225 -11.13 -3.69 -0.15
N VAL A 226 -10.04 -3.15 -0.70
CA VAL A 226 -9.50 -3.61 -1.96
C VAL A 226 -8.12 -4.16 -1.69
N ASP A 227 -7.86 -5.40 -2.13
CA ASP A 227 -6.55 -5.98 -1.96
C ASP A 227 -6.14 -6.75 -3.21
N ALA A 228 -5.03 -7.46 -3.14
CA ALA A 228 -4.52 -8.17 -4.28
C ALA A 228 -5.51 -9.16 -4.88
N LEU A 229 -6.43 -9.68 -4.06
CA LEU A 229 -7.28 -10.79 -4.48
C LEU A 229 -8.69 -10.40 -4.86
N GLY A 230 -9.10 -9.17 -4.55
CA GLY A 230 -10.44 -8.76 -4.87
C GLY A 230 -10.94 -7.66 -3.95
N LEU A 231 -12.26 -7.65 -3.77
CA LEU A 231 -12.92 -6.64 -2.95
CA LEU A 231 -12.95 -6.64 -2.99
C LEU A 231 -13.65 -7.32 -1.81
N ASN A 232 -13.67 -6.67 -0.66
CA ASN A 232 -14.37 -7.21 0.49
C ASN A 232 -15.19 -6.15 1.20
N ILE A 233 -16.30 -6.57 1.80
CA ILE A 233 -17.14 -5.66 2.57
C ILE A 233 -17.01 -6.08 4.01
N TYR A 234 -16.77 -5.11 4.91
CA TYR A 234 -16.57 -5.38 6.33
C TYR A 234 -17.58 -4.63 7.17
N GLU A 235 -17.99 -5.21 8.29
CA GLU A 235 -18.78 -4.48 9.26
C GLU A 235 -17.94 -3.32 9.78
N GLN A 236 -18.61 -2.24 10.19
CA GLN A 236 -17.87 -1.08 10.67
C GLN A 236 -16.89 -1.44 11.78
N ASN A 237 -17.27 -2.38 12.64
CA ASN A 237 -16.48 -2.69 13.82
C ASN A 237 -15.56 -3.89 13.68
N ASP A 238 -15.38 -4.38 12.45
CA ASP A 238 -14.55 -5.57 12.24
C ASP A 238 -13.86 -5.52 10.89
N ARG A 239 -12.64 -4.97 10.88
CA ARG A 239 -11.86 -4.89 9.66
C ARG A 239 -10.96 -6.12 9.46
N LEU A 240 -11.10 -7.13 10.32
CA LEU A 240 -10.28 -8.34 10.21
C LEU A 240 -10.94 -9.46 9.40
N THR A 241 -12.26 -9.56 9.46
CA THR A 241 -12.97 -10.64 8.78
C THR A 241 -14.07 -10.08 7.89
N PRO A 242 -13.97 -10.33 6.57
CA PRO A 242 -15.01 -9.80 5.67
C PRO A 242 -16.38 -10.37 5.96
N LYS A 243 -17.39 -9.53 5.81
CA LYS A 243 -18.78 -9.95 5.85
C LYS A 243 -19.12 -10.57 4.50
N ILE A 244 -18.64 -9.95 3.43
CA ILE A 244 -18.86 -10.44 2.08
C ILE A 244 -17.56 -10.33 1.32
N GLY A 245 -17.21 -11.37 0.56
CA GLY A 245 -16.00 -11.34 -0.25
C GLY A 245 -16.29 -11.45 -1.72
N PHE A 246 -15.54 -10.70 -2.52
CA PHE A 246 -15.65 -10.74 -3.96
C PHE A 246 -14.28 -10.97 -4.60
N PRO A 247 -13.90 -12.24 -4.79
CA PRO A 247 -12.69 -12.51 -5.57
C PRO A 247 -12.89 -11.99 -6.99
N TRP A 248 -11.82 -11.67 -7.70
CA TRP A 248 -11.95 -11.15 -9.06
C TRP A 248 -12.85 -12.01 -9.94
N SER A 249 -12.71 -13.33 -9.81
CA SER A 249 -13.44 -14.25 -10.67
C SER A 249 -14.96 -14.17 -10.51
N GLU A 250 -15.42 -13.60 -9.41
CA GLU A 250 -16.84 -13.53 -9.10
C GLU A 250 -17.44 -12.17 -9.43
N ILE A 251 -16.62 -11.29 -9.99
CA ILE A 251 -17.08 -9.92 -10.30
C ILE A 251 -17.26 -9.73 -11.80
N ARG A 252 -18.50 -9.46 -12.22
CA ARG A 252 -18.77 -9.21 -13.63
CA ARG A 252 -18.76 -9.21 -13.62
C ARG A 252 -18.42 -7.77 -13.97
N ASN A 253 -18.78 -6.85 -13.08
CA ASN A 253 -18.49 -5.46 -13.31
C ASN A 253 -18.43 -4.67 -12.01
N ILE A 254 -17.59 -3.65 -11.99
CA ILE A 254 -17.65 -2.65 -10.93
C ILE A 254 -17.77 -1.29 -11.59
N SER A 255 -18.61 -0.43 -11.03
CA SER A 255 -18.79 0.87 -11.65
C SER A 255 -19.13 1.90 -10.60
N PHE A 256 -18.99 3.17 -10.96
CA PHE A 256 -19.44 4.23 -10.06
C PHE A 256 -20.08 5.37 -10.84
N ASN A 257 -20.94 6.10 -10.15
CA ASN A 257 -21.44 7.38 -10.64
C ASN A 257 -21.44 8.28 -9.43
N ASP A 258 -20.56 9.27 -9.44
CA ASP A 258 -20.39 10.16 -8.30
C ASP A 258 -20.13 9.33 -7.04
N LYS A 259 -21.01 9.38 -6.04
CA LYS A 259 -20.76 8.67 -4.77
C LYS A 259 -21.24 7.22 -4.77
N LYS A 260 -22.00 6.83 -5.77
CA LYS A 260 -22.62 5.50 -5.78
C LYS A 260 -21.75 4.49 -6.51
N PHE A 261 -21.43 3.40 -5.82
CA PHE A 261 -20.56 2.36 -6.35
C PHE A 261 -21.36 1.08 -6.49
N VAL A 262 -21.18 0.36 -7.59
CA VAL A 262 -21.98 -0.84 -7.84
C VAL A 262 -21.09 -2.03 -8.20
N ILE A 263 -21.31 -3.15 -7.52
CA ILE A 263 -20.64 -4.40 -7.85
C ILE A 263 -21.68 -5.33 -8.43
N LYS A 264 -21.45 -5.78 -9.67
CA LYS A 264 -22.34 -6.72 -10.32
C LYS A 264 -21.69 -8.10 -10.27
N PRO A 265 -22.38 -9.07 -9.67
CA PRO A 265 -21.85 -10.45 -9.59
C PRO A 265 -21.89 -11.16 -10.94
N ILE A 266 -21.08 -12.20 -11.11
CA ILE A 266 -21.07 -12.93 -12.38
C ILE A 266 -22.39 -13.63 -12.68
N ASP A 267 -23.12 -14.05 -11.64
CA ASP A 267 -24.44 -14.61 -11.83
C ASP A 267 -25.41 -13.51 -12.29
N LYS A 268 -25.77 -13.51 -13.56
CA LYS A 268 -26.61 -12.44 -14.14
C LYS A 268 -27.99 -12.35 -13.49
N LYS A 269 -28.39 -13.39 -12.77
CA LYS A 269 -29.70 -13.40 -12.14
C LYS A 269 -29.63 -12.88 -10.70
N ALA A 270 -28.42 -12.72 -10.17
CA ALA A 270 -28.22 -12.18 -8.84
C ALA A 270 -28.22 -10.65 -8.88
N PRO A 271 -28.73 -10.01 -7.82
CA PRO A 271 -28.83 -8.55 -7.83
C PRO A 271 -27.51 -7.85 -7.56
N ASP A 272 -27.41 -6.62 -8.07
CA ASP A 272 -26.21 -5.84 -7.88
C ASP A 272 -26.05 -5.43 -6.43
N PHE A 273 -24.79 -5.26 -6.00
CA PHE A 273 -24.49 -4.69 -4.70
CA PHE A 273 -24.46 -4.71 -4.69
C PHE A 273 -24.22 -3.21 -4.83
N VAL A 274 -24.89 -2.42 -4.01
CA VAL A 274 -24.75 -0.98 -4.09
C VAL A 274 -24.21 -0.39 -2.81
N PHE A 275 -23.20 0.46 -2.91
CA PHE A 275 -22.67 1.14 -1.75
CA PHE A 275 -22.77 1.18 -1.72
C PHE A 275 -22.43 2.61 -2.06
N TYR A 276 -22.23 3.42 -1.02
CA TYR A 276 -22.04 4.86 -1.17
C TYR A 276 -20.74 5.27 -0.51
N ALA A 277 -19.87 5.90 -1.28
CA ALA A 277 -18.59 6.39 -0.79
C ALA A 277 -18.72 7.85 -0.37
N PRO A 278 -17.74 8.40 0.35
CA PRO A 278 -17.89 9.79 0.81
C PRO A 278 -17.87 10.81 -0.33
N ARG A 279 -17.11 10.53 -1.37
CA ARG A 279 -16.91 11.47 -2.46
CA ARG A 279 -16.95 11.47 -2.47
C ARG A 279 -16.58 10.73 -3.74
N LEU A 280 -16.82 11.38 -4.87
CA LEU A 280 -16.42 10.86 -6.16
C LEU A 280 -14.96 10.44 -6.10
N ARG A 281 -14.12 11.27 -5.50
CA ARG A 281 -12.68 11.01 -5.46
C ARG A 281 -12.40 9.62 -4.90
N ILE A 282 -13.19 9.23 -3.90
CA ILE A 282 -12.96 7.93 -3.27
C ILE A 282 -13.35 6.77 -4.21
N ASN A 283 -14.44 6.92 -4.95
CA ASN A 283 -14.81 5.90 -5.92
C ASN A 283 -13.79 5.76 -7.04
N LYS A 284 -13.19 6.87 -7.46
CA LYS A 284 -12.11 6.82 -8.43
C LYS A 284 -10.92 6.07 -7.85
N ARG A 285 -10.59 6.35 -6.58
CA ARG A 285 -9.51 5.60 -5.94
C ARG A 285 -9.81 4.10 -5.89
N ILE A 286 -11.02 3.75 -5.51
CA ILE A 286 -11.41 2.34 -5.44
C ILE A 286 -11.27 1.66 -6.80
N LEU A 287 -11.81 2.28 -7.84
CA LEU A 287 -11.79 1.65 -9.16
CA LEU A 287 -11.79 1.62 -9.14
C LEU A 287 -10.35 1.52 -9.67
N ALA A 288 -9.54 2.55 -9.44
CA ALA A 288 -8.14 2.50 -9.87
C ALA A 288 -7.40 1.37 -9.15
N LEU A 289 -7.65 1.21 -7.86
CA LEU A 289 -6.96 0.15 -7.12
C LEU A 289 -7.46 -1.22 -7.55
N CYS A 290 -8.74 -1.34 -7.88
CA CYS A 290 -9.27 -2.61 -8.40
C CYS A 290 -8.64 -2.96 -9.74
N MET A 291 -8.58 -1.99 -10.66
CA MET A 291 -8.01 -2.27 -11.96
C MET A 291 -6.55 -2.67 -11.84
N GLY A 292 -5.79 -1.93 -11.02
CA GLY A 292 -4.37 -2.20 -10.87
C GLY A 292 -4.10 -3.53 -10.18
N ASN A 293 -4.84 -3.81 -9.10
CA ASN A 293 -4.65 -5.10 -8.43
C ASN A 293 -5.02 -6.26 -9.34
N HIS A 294 -6.13 -6.12 -10.06
CA HIS A 294 -6.54 -7.19 -10.93
C HIS A 294 -5.49 -7.39 -12.04
N GLU A 295 -4.97 -6.30 -12.58
CA GLU A 295 -3.92 -6.44 -13.58
C GLU A 295 -2.74 -7.27 -13.07
N LEU A 296 -2.24 -6.95 -11.87
CA LEU A 296 -1.10 -7.68 -11.31
C LEU A 296 -1.48 -9.12 -10.97
N TYR A 297 -2.71 -9.33 -10.50
CA TYR A 297 -3.21 -10.68 -10.22
C TYR A 297 -3.13 -11.56 -11.47
N MET A 298 -3.60 -11.04 -12.60
CA MET A 298 -3.50 -11.77 -13.85
C MET A 298 -2.06 -11.96 -14.28
N ARG A 299 -1.23 -10.92 -14.13
CA ARG A 299 0.18 -11.02 -14.54
C ARG A 299 0.91 -12.16 -13.86
N ARG A 300 0.62 -12.35 -12.57
CA ARG A 300 1.21 -13.42 -11.76
C ARG A 300 0.89 -14.79 -12.30
N ARG A 301 -0.24 -14.87 -12.99
CA ARG A 301 -0.82 -16.15 -13.36
C ARG A 301 -0.78 -16.38 -14.86
N LYS A 302 -0.07 -15.50 -15.56
CA LYS A 302 0.05 -15.60 -17.00
C LYS A 302 0.80 -16.88 -17.40
N GLU B 5 -14.83 -3.97 -21.61
CA GLU B 5 -13.87 -4.16 -20.52
C GLU B 5 -13.68 -2.90 -19.67
N PHE B 6 -13.83 -1.72 -20.27
CA PHE B 6 -13.63 -0.46 -19.55
C PHE B 6 -14.27 0.71 -20.27
N ARG B 7 -15.14 1.44 -19.58
CA ARG B 7 -15.75 2.63 -20.16
C ARG B 7 -15.65 3.80 -19.21
N ASN B 8 -15.28 4.96 -19.74
CA ASN B 8 -15.07 6.14 -18.92
C ASN B 8 -15.16 7.40 -19.80
N LYS B 9 -16.38 7.75 -20.20
CA LYS B 9 -16.60 8.89 -21.08
C LYS B 9 -17.03 10.15 -20.30
N ARG B 10 -17.21 10.00 -18.99
CA ARG B 10 -17.54 11.12 -18.13
C ARG B 10 -16.61 11.12 -16.93
N ALA B 11 -16.14 12.29 -16.52
CA ALA B 11 -15.22 12.39 -15.39
C ALA B 11 -15.84 11.90 -14.09
N THR B 12 -17.17 11.81 -14.04
CA THR B 12 -17.83 11.44 -12.81
C THR B 12 -18.37 10.00 -12.82
N ARG B 13 -18.11 9.24 -13.89
CA ARG B 13 -18.53 7.85 -13.97
C ARG B 13 -17.37 6.98 -14.42
N GLY B 14 -17.41 5.70 -14.06
CA GLY B 14 -16.40 4.76 -14.52
C GLY B 14 -16.91 3.34 -14.41
N THR B 15 -16.37 2.45 -15.22
CA THR B 15 -16.79 1.06 -15.23
C THR B 15 -15.64 0.17 -15.66
N TYR B 16 -15.55 -0.99 -15.02
CA TYR B 16 -14.50 -1.95 -15.34
C TYR B 16 -15.06 -3.35 -15.15
N SER B 17 -14.76 -4.24 -16.08
CA SER B 17 -15.24 -5.62 -16.02
CA SER B 17 -15.25 -5.61 -16.01
C SER B 17 -14.09 -6.60 -15.85
N PRO B 18 -13.87 -7.08 -14.61
CA PRO B 18 -12.79 -8.03 -14.32
C PRO B 18 -12.99 -9.32 -15.09
N SER B 19 -14.17 -9.92 -14.92
CA SER B 19 -14.45 -11.24 -15.48
C SER B 19 -14.19 -11.27 -16.99
N ALA B 20 -14.35 -10.13 -17.64
CA ALA B 20 -14.17 -10.02 -19.09
C ALA B 20 -12.70 -10.03 -19.50
N GLN B 21 -11.85 -9.46 -18.67
CA GLN B 21 -10.42 -9.38 -18.97
C GLN B 21 -9.78 -10.77 -19.08
N GLU B 22 -9.16 -11.03 -20.23
CA GLU B 22 -8.48 -12.29 -20.49
C GLU B 22 -7.05 -12.00 -20.92
N TYR B 23 -6.15 -12.97 -20.75
CA TYR B 23 -4.76 -12.78 -21.15
C TYR B 23 -4.65 -12.52 -22.64
N ASN B 32 11.12 -9.42 -22.83
CA ASN B 32 11.64 -8.07 -23.04
C ASN B 32 12.15 -7.43 -21.75
N VAL B 33 11.26 -6.78 -21.01
CA VAL B 33 11.63 -6.18 -19.73
C VAL B 33 10.60 -6.55 -18.67
N LEU B 34 10.93 -6.26 -17.41
CA LEU B 34 9.98 -6.45 -16.32
C LEU B 34 8.86 -5.43 -16.45
N LYS B 35 7.64 -5.89 -16.23
CA LYS B 35 6.46 -5.10 -16.56
C LYS B 35 6.32 -3.84 -15.69
N PRO B 36 5.73 -2.78 -16.28
CA PRO B 36 5.61 -1.50 -15.60
C PRO B 36 4.47 -1.50 -14.58
N PRO B 37 4.45 -0.50 -13.69
CA PRO B 37 3.31 -0.34 -12.80
C PRO B 37 2.00 -0.23 -13.59
N PRO B 38 0.90 -0.79 -13.08
CA PRO B 38 -0.40 -0.54 -13.72
C PRO B 38 -0.68 0.96 -13.83
N GLU B 39 -1.27 1.37 -14.96
CA GLU B 39 -1.53 2.79 -15.18
C GLU B 39 -2.99 3.08 -14.91
N GLU B 40 -3.25 4.13 -14.14
CA GLU B 40 -4.61 4.60 -13.92
C GLU B 40 -5.19 5.10 -15.22
N ARG B 41 -6.41 4.67 -15.52
CA ARG B 41 -7.02 4.97 -16.81
C ARG B 41 -8.16 5.99 -16.69
N LEU B 42 -8.59 6.28 -15.47
CA LEU B 42 -9.74 7.18 -15.28
C LEU B 42 -9.42 8.64 -15.60
N ILE B 43 -10.44 9.36 -16.06
CA ILE B 43 -10.34 10.80 -16.28
C ILE B 43 -10.16 11.55 -14.97
#